data_4KOX
#
_entry.id   4KOX
#
_cell.length_a   58.194
_cell.length_b   76.170
_cell.length_c   39.150
_cell.angle_alpha   90.00
_cell.angle_beta   90.00
_cell.angle_gamma   90.00
#
_symmetry.space_group_name_H-M   'P 21 21 2'
#
loop_
_entity.id
_entity.type
_entity.pdbx_description
1 polymer 'Uncharacterized protein'
2 non-polymer 'SULFATE ION'
3 non-polymer CEPHALOTHIN
4 non-polymer 1,2-ETHANEDIOL
5 water water
#
_entity_poly.entity_id   1
_entity_poly.type   'polypeptide(L)'
_entity_poly.pdbx_seq_one_letter_code
;GHMQLSHRPAETGDLETVAGFPQDRDELFYCYPKAIWPFSVAQLAAAIAERRGSTVAVHDGQVLGFANFYQWQHGDFCAL
GNMMVAPAARGLGVARYLIGVMENLAREQYKARLMKISCFNANAAGLLLYTQLGYQPRAIAERHDPDGRRVALIQMDKPL
EP
;
_entity_poly.pdbx_strand_id   A
#
# COMPACT_ATOMS: atom_id res chain seq x y z
N MET A 3 14.37 14.31 -1.46
CA MET A 3 13.03 14.35 -2.15
C MET A 3 12.12 15.49 -1.64
N GLN A 4 11.81 16.47 -2.51
CA GLN A 4 10.62 17.32 -2.31
C GLN A 4 9.41 16.48 -2.82
N LEU A 5 8.61 15.91 -1.89
CA LEU A 5 7.46 15.08 -2.23
C LEU A 5 6.15 15.77 -1.88
N SER A 6 5.12 15.58 -2.67
CA SER A 6 3.78 16.09 -2.34
C SER A 6 2.83 14.94 -2.55
N HIS A 7 1.58 15.14 -2.20
CA HIS A 7 0.58 14.11 -2.43
C HIS A 7 -0.75 14.74 -2.79
N ARG A 8 -1.61 13.91 -3.35
CA ARG A 8 -2.98 14.25 -3.69
C ARG A 8 -3.76 13.00 -3.93
N PRO A 9 -5.11 13.10 -3.91
CA PRO A 9 -5.89 11.92 -4.35
C PRO A 9 -5.56 11.46 -5.75
N ALA A 10 -5.55 10.16 -5.93
CA ALA A 10 -5.38 9.53 -7.20
C ALA A 10 -6.45 9.96 -8.19
N GLU A 11 -6.06 10.08 -9.45
CA GLU A 11 -6.93 10.53 -10.52
C GLU A 11 -6.85 9.57 -11.65
N THR A 12 -7.91 9.55 -12.46
CA THR A 12 -7.92 8.72 -13.67
C THR A 12 -6.64 8.76 -14.45
N GLY A 13 -6.14 9.98 -14.63
CA GLY A 13 -4.92 10.14 -15.41
C GLY A 13 -3.66 9.50 -14.87
N ASP A 14 -3.65 9.18 -13.57
CA ASP A 14 -2.52 8.53 -12.90
C ASP A 14 -2.45 7.01 -13.10
N LEU A 15 -3.56 6.41 -13.53
N LEU A 15 -3.55 6.44 -13.57
CA LEU A 15 -3.75 4.95 -13.39
CA LEU A 15 -3.69 4.99 -13.49
C LEU A 15 -2.75 4.20 -14.24
C LEU A 15 -2.75 4.26 -14.43
N GLU A 16 -2.56 4.69 -15.46
N GLU A 16 -2.52 4.77 -15.63
CA GLU A 16 -1.65 4.03 -16.37
CA GLU A 16 -1.60 4.08 -16.48
C GLU A 16 -0.24 4.02 -15.78
C GLU A 16 -0.22 4.04 -15.81
N THR A 17 0.17 5.13 -15.16
CA THR A 17 1.43 5.19 -14.49
C THR A 17 1.58 4.24 -13.34
N VAL A 18 0.60 4.28 -12.41
CA VAL A 18 0.64 3.44 -11.27
C VAL A 18 0.59 1.95 -11.59
N ALA A 19 -0.19 1.60 -12.63
CA ALA A 19 -0.35 0.23 -13.03
C ALA A 19 0.99 -0.32 -13.63
N GLY A 20 1.87 0.59 -13.99
CA GLY A 20 3.22 0.27 -14.48
C GLY A 20 4.21 -0.04 -13.36
N PHE A 21 3.82 0.18 -12.08
CA PHE A 21 4.84 0.05 -11.04
C PHE A 21 5.29 -1.39 -10.73
N PRO A 22 4.35 -2.35 -10.62
CA PRO A 22 4.78 -3.71 -10.20
C PRO A 22 5.57 -4.31 -11.38
N GLN A 23 6.77 -4.77 -11.08
CA GLN A 23 7.72 -5.23 -12.15
C GLN A 23 7.65 -6.69 -12.46
N ASP A 24 7.00 -7.46 -11.62
CA ASP A 24 6.88 -8.87 -11.80
C ASP A 24 5.77 -9.42 -10.95
N ARG A 25 5.52 -10.71 -11.14
CA ARG A 25 4.34 -11.35 -10.44
C ARG A 25 4.48 -11.30 -8.94
N ASP A 26 5.70 -11.39 -8.44
CA ASP A 26 5.94 -11.28 -6.95
C ASP A 26 5.57 -9.91 -6.45
N GLU A 27 6.05 -8.85 -7.12
CA GLU A 27 5.77 -7.51 -6.66
C GLU A 27 4.29 -7.29 -6.73
N LEU A 28 3.65 -7.79 -7.78
CA LEU A 28 2.18 -7.62 -7.84
C LEU A 28 1.45 -8.31 -6.69
N PHE A 29 1.87 -9.54 -6.40
CA PHE A 29 1.24 -10.30 -5.27
C PHE A 29 1.46 -9.60 -4.00
N TYR A 30 2.64 -9.04 -3.79
CA TYR A 30 2.90 -8.39 -2.48
C TYR A 30 1.99 -7.20 -2.24
N CYS A 31 1.64 -6.44 -3.28
CA CYS A 31 0.87 -5.23 -3.14
C CYS A 31 -0.62 -5.37 -3.44
N TYR A 32 -1.02 -6.46 -4.05
CA TYR A 32 -2.38 -6.64 -4.50
C TYR A 32 -2.58 -8.13 -4.78
N PRO A 33 -2.62 -8.94 -3.73
CA PRO A 33 -2.68 -10.37 -3.93
C PRO A 33 -3.86 -10.89 -4.73
N LYS A 34 -5.00 -10.21 -4.76
CA LYS A 34 -6.14 -10.61 -5.59
C LYS A 34 -5.96 -10.29 -7.05
N ALA A 35 -4.99 -9.48 -7.40
CA ALA A 35 -4.76 -9.16 -8.83
C ALA A 35 -4.20 -10.32 -9.55
N ILE A 36 -4.31 -10.26 -10.87
N ILE A 36 -4.35 -10.27 -10.87
CA ILE A 36 -3.79 -11.33 -11.71
CA ILE A 36 -3.80 -11.29 -11.75
C ILE A 36 -2.83 -10.66 -12.67
C ILE A 36 -2.80 -10.61 -12.65
N TRP A 37 -1.66 -11.28 -12.89
CA TRP A 37 -0.66 -10.76 -13.77
C TRP A 37 -1.08 -11.13 -15.23
N PRO A 38 -0.91 -10.20 -16.18
CA PRO A 38 -0.38 -8.84 -15.99
C PRO A 38 -1.41 -7.90 -15.39
N PHE A 39 -0.87 -6.94 -14.71
CA PHE A 39 -1.66 -5.88 -14.08
C PHE A 39 -2.15 -4.93 -15.15
N SER A 40 -3.25 -4.24 -14.87
CA SER A 40 -3.93 -3.40 -15.87
C SER A 40 -4.56 -2.24 -15.18
N VAL A 41 -4.85 -1.21 -15.96
CA VAL A 41 -5.58 -0.09 -15.42
C VAL A 41 -6.98 -0.54 -14.89
N ALA A 42 -7.64 -1.45 -15.61
CA ALA A 42 -8.95 -1.93 -15.15
C ALA A 42 -8.88 -2.60 -13.76
N GLN A 43 -7.86 -3.39 -13.52
CA GLN A 43 -7.68 -4.00 -12.19
C GLN A 43 -7.41 -2.92 -11.15
N LEU A 44 -6.57 -1.95 -11.48
CA LEU A 44 -6.28 -0.87 -10.54
C LEU A 44 -7.53 -0.05 -10.24
N ALA A 45 -8.25 0.32 -11.29
CA ALA A 45 -9.48 1.06 -11.13
C ALA A 45 -10.52 0.35 -10.28
N ALA A 46 -10.64 -0.97 -10.46
CA ALA A 46 -11.58 -1.73 -9.63
C ALA A 46 -11.23 -1.67 -8.15
N ALA A 47 -9.94 -1.77 -7.85
CA ALA A 47 -9.48 -1.60 -6.46
C ALA A 47 -9.83 -0.25 -5.90
N ILE A 48 -9.45 0.79 -6.62
CA ILE A 48 -9.78 2.12 -6.22
C ILE A 48 -11.27 2.28 -5.90
N ALA A 49 -12.10 1.74 -6.78
CA ALA A 49 -13.55 1.85 -6.59
C ALA A 49 -14.05 1.20 -5.36
N GLU A 50 -13.49 0.07 -4.98
CA GLU A 50 -13.95 -0.58 -3.79
C GLU A 50 -13.20 -0.22 -2.51
N ARG A 51 -12.22 0.67 -2.61
CA ARG A 51 -11.37 1.05 -1.50
C ARG A 51 -11.57 2.50 -1.17
N ARG A 52 -10.85 2.92 -0.17
CA ARG A 52 -10.78 4.33 0.19
CA ARG A 52 -10.77 4.33 0.18
C ARG A 52 -9.35 4.91 0.26
N GLY A 53 -9.32 6.22 0.07
CA GLY A 53 -8.07 6.92 0.42
C GLY A 53 -6.97 6.77 -0.65
N SER A 54 -7.35 6.44 -1.90
CA SER A 54 -6.27 6.23 -2.86
C SER A 54 -5.61 7.56 -3.13
N THR A 55 -4.30 7.55 -2.92
CA THR A 55 -3.42 8.68 -2.88
C THR A 55 -2.16 8.40 -3.71
N VAL A 56 -1.69 9.44 -4.40
CA VAL A 56 -0.43 9.36 -5.04
C VAL A 56 0.56 10.30 -4.38
N ALA A 57 1.81 9.91 -4.46
CA ALA A 57 2.94 10.75 -4.07
C ALA A 57 3.62 11.25 -5.34
N VAL A 58 3.91 12.54 -5.37
CA VAL A 58 4.47 13.21 -6.54
C VAL A 58 5.80 13.89 -6.23
N HIS A 59 6.76 13.74 -7.12
CA HIS A 59 8.01 14.47 -7.03
C HIS A 59 8.45 14.91 -8.42
N ASP A 60 8.75 16.18 -8.58
CA ASP A 60 9.22 16.77 -9.83
C ASP A 60 8.30 16.44 -11.00
N GLY A 61 6.99 16.56 -10.79
CA GLY A 61 6.03 16.24 -11.80
C GLY A 61 5.77 14.76 -12.07
N GLN A 62 6.37 13.84 -11.30
CA GLN A 62 6.23 12.42 -11.59
C GLN A 62 5.48 11.78 -10.47
N VAL A 63 4.49 10.95 -10.80
CA VAL A 63 3.82 10.14 -9.79
C VAL A 63 4.77 8.98 -9.48
N LEU A 64 5.17 8.90 -8.23
CA LEU A 64 6.21 7.90 -7.78
C LEU A 64 5.67 6.87 -6.84
N GLY A 65 4.52 7.16 -6.27
CA GLY A 65 3.96 6.22 -5.35
C GLY A 65 2.46 6.26 -5.26
N PHE A 66 1.91 5.16 -4.73
CA PHE A 66 0.44 5.00 -4.58
C PHE A 66 0.12 4.12 -3.39
N ALA A 67 -0.96 4.46 -2.70
CA ALA A 67 -1.43 3.61 -1.63
C ALA A 67 -2.92 3.87 -1.43
N ASN A 68 -3.55 2.98 -0.68
CA ASN A 68 -4.93 3.19 -0.28
C ASN A 68 -5.22 2.35 0.99
N PHE A 69 -6.50 2.36 1.40
CA PHE A 69 -6.98 1.53 2.49
C PHE A 69 -7.86 0.43 1.94
N TYR A 70 -7.57 -0.81 2.31
CA TYR A 70 -8.49 -1.90 1.93
C TYR A 70 -9.49 -2.23 2.99
N GLN A 71 -9.25 -1.70 4.18
CA GLN A 71 -10.23 -1.81 5.26
C GLN A 71 -10.18 -0.54 6.04
N TRP A 72 -11.33 -0.15 6.57
CA TRP A 72 -11.36 1.13 7.29
C TRP A 72 -12.55 0.94 8.29
N GLN A 73 -12.36 1.42 9.52
CA GLN A 73 -13.43 1.26 10.53
C GLN A 73 -13.30 2.53 11.34
N HIS A 74 -14.23 3.46 11.12
N HIS A 74 -14.25 3.44 11.13
CA HIS A 74 -14.22 4.74 11.78
CA HIS A 74 -14.26 4.74 11.77
C HIS A 74 -14.04 4.57 13.30
C HIS A 74 -14.13 4.65 13.30
N GLY A 75 -13.22 5.42 13.90
CA GLY A 75 -12.92 5.37 15.36
C GLY A 75 -12.07 4.20 15.82
N ASP A 76 -11.54 3.41 14.87
CA ASP A 76 -10.90 2.14 15.17
C ASP A 76 -9.60 1.99 14.43
N PHE A 77 -9.67 1.60 13.16
CA PHE A 77 -8.41 1.45 12.44
C PHE A 77 -8.63 1.59 10.96
N CYS A 78 -7.50 1.67 10.26
CA CYS A 78 -7.48 1.46 8.83
C CYS A 78 -6.41 0.44 8.54
N ALA A 79 -6.55 -0.18 7.38
CA ALA A 79 -5.54 -1.16 6.88
C ALA A 79 -5.04 -0.70 5.52
N LEU A 80 -3.74 -0.54 5.45
CA LEU A 80 -3.06 0.01 4.29
C LEU A 80 -2.96 -1.01 3.21
N GLY A 81 -3.22 -0.64 1.98
CA GLY A 81 -3.23 -1.58 0.89
C GLY A 81 -2.59 -0.99 -0.38
N ASN A 82 -2.31 -1.84 -1.33
CA ASN A 82 -1.87 -1.39 -2.68
C ASN A 82 -0.70 -0.47 -2.61
N MET A 83 0.27 -0.72 -1.72
CA MET A 83 1.43 0.15 -1.61
C MET A 83 2.42 -0.13 -2.75
N MET A 84 2.57 0.78 -3.69
CA MET A 84 3.32 0.63 -4.93
C MET A 84 4.23 1.83 -5.10
N VAL A 85 5.45 1.58 -5.55
CA VAL A 85 6.43 2.64 -5.76
C VAL A 85 7.03 2.41 -7.12
N ALA A 86 7.27 3.50 -7.81
CA ALA A 86 7.89 3.47 -9.11
C ALA A 86 9.29 2.78 -9.03
N PRO A 87 9.59 1.94 -10.02
CA PRO A 87 10.84 1.20 -9.97
C PRO A 87 12.07 2.10 -9.96
N ALA A 88 12.01 3.30 -10.54
CA ALA A 88 13.21 4.19 -10.54
C ALA A 88 13.39 4.90 -9.19
N ALA A 89 12.39 4.81 -8.30
CA ALA A 89 12.39 5.54 -7.05
C ALA A 89 12.34 4.68 -5.78
N ARG A 90 12.74 3.44 -5.91
CA ARG A 90 12.75 2.48 -4.80
C ARG A 90 13.90 2.84 -3.81
N GLY A 91 13.60 2.74 -2.52
CA GLY A 91 14.59 3.01 -1.50
C GLY A 91 14.92 4.45 -1.21
N LEU A 92 14.18 5.38 -1.79
CA LEU A 92 14.42 6.83 -1.68
C LEU A 92 13.48 7.52 -0.68
N GLY A 93 12.65 6.76 0.00
CA GLY A 93 11.76 7.40 0.96
C GLY A 93 10.35 7.65 0.50
N VAL A 94 9.99 7.21 -0.71
CA VAL A 94 8.61 7.41 -1.16
C VAL A 94 7.57 6.61 -0.37
N ALA A 95 7.87 5.38 -0.02
CA ALA A 95 6.95 4.56 0.70
C ALA A 95 6.81 5.11 2.08
N ARG A 96 7.93 5.47 2.68
CA ARG A 96 7.92 6.05 4.05
CA ARG A 96 7.90 6.06 4.06
C ARG A 96 7.03 7.31 4.10
N TYR A 97 7.21 8.18 3.11
CA TYR A 97 6.45 9.39 2.94
C TYR A 97 4.96 9.12 2.83
N LEU A 98 4.59 8.23 1.92
CA LEU A 98 3.20 7.92 1.72
C LEU A 98 2.56 7.22 2.93
N ILE A 99 3.29 6.35 3.61
CA ILE A 99 2.80 5.71 4.79
C ILE A 99 2.48 6.79 5.84
N GLY A 100 3.35 7.76 5.97
CA GLY A 100 3.06 8.89 6.84
C GLY A 100 1.85 9.70 6.50
N VAL A 101 1.68 9.97 5.20
CA VAL A 101 0.48 10.56 4.67
C VAL A 101 -0.77 9.76 5.04
N MET A 102 -0.75 8.46 4.82
CA MET A 102 -1.89 7.56 5.05
C MET A 102 -2.19 7.47 6.56
N GLU A 103 -1.18 7.51 7.39
CA GLU A 103 -1.37 7.53 8.86
C GLU A 103 -2.10 8.77 9.27
N ASN A 104 -1.70 9.89 8.72
CA ASN A 104 -2.41 11.17 8.98
C ASN A 104 -3.83 11.12 8.49
N LEU A 105 -4.04 10.60 7.28
CA LEU A 105 -5.36 10.45 6.75
C LEU A 105 -6.22 9.52 7.63
N ALA A 106 -5.68 8.40 8.06
CA ALA A 106 -6.47 7.51 8.94
C ALA A 106 -6.89 8.25 10.22
N ARG A 107 -5.95 8.97 10.78
CA ARG A 107 -6.19 9.68 12.06
C ARG A 107 -7.25 10.73 11.84
N GLU A 108 -7.06 11.54 10.81
CA GLU A 108 -7.88 12.74 10.68
CA GLU A 108 -7.86 12.77 10.64
C GLU A 108 -9.27 12.46 10.08
N GLN A 109 -9.33 11.64 9.06
CA GLN A 109 -10.58 11.37 8.38
C GLN A 109 -11.34 10.17 9.00
N TYR A 110 -10.64 9.17 9.54
CA TYR A 110 -11.34 7.98 10.04
C TYR A 110 -11.29 7.93 11.58
N LYS A 111 -10.62 8.84 12.24
CA LYS A 111 -10.44 8.78 13.69
C LYS A 111 -9.86 7.45 14.15
N ALA A 112 -8.96 6.86 13.30
CA ALA A 112 -8.35 5.62 13.61
C ALA A 112 -7.33 5.77 14.73
N ARG A 113 -7.31 4.78 15.62
CA ARG A 113 -6.32 4.67 16.65
C ARG A 113 -5.18 3.82 16.25
N LEU A 114 -5.36 3.03 15.16
CA LEU A 114 -4.36 2.03 14.82
C LEU A 114 -4.32 1.95 13.27
N MET A 115 -3.13 1.73 12.73
CA MET A 115 -2.96 1.34 11.36
C MET A 115 -2.51 -0.12 11.33
N LYS A 116 -3.15 -0.93 10.49
CA LYS A 116 -2.75 -2.29 10.28
C LYS A 116 -2.02 -2.31 8.91
N ILE A 117 -0.98 -3.13 8.86
CA ILE A 117 -0.30 -3.42 7.58
C ILE A 117 -0.04 -4.91 7.56
N SER A 118 -0.41 -5.56 6.46
CA SER A 118 -0.04 -6.97 6.28
C SER A 118 0.97 -7.08 5.18
N CYS A 119 2.00 -7.87 5.47
CA CYS A 119 3.16 -7.95 4.60
C CYS A 119 3.50 -9.42 4.37
N PHE A 120 3.69 -9.79 3.11
CA PHE A 120 4.06 -11.18 2.84
C PHE A 120 5.45 -11.43 3.26
N ASN A 121 5.72 -12.65 3.68
CA ASN A 121 6.96 -13.07 4.22
C ASN A 121 8.13 -12.83 3.28
N ALA A 122 7.96 -13.01 1.98
CA ALA A 122 9.11 -12.89 1.08
C ALA A 122 9.56 -11.45 0.90
N ASN A 123 8.69 -10.49 1.24
CA ASN A 123 8.96 -9.08 1.06
C ASN A 123 9.78 -8.49 2.24
N ALA A 124 11.06 -8.82 2.28
CA ALA A 124 11.92 -8.39 3.35
C ALA A 124 12.01 -6.89 3.41
N ALA A 125 12.09 -6.24 2.25
CA ALA A 125 12.20 -4.79 2.26
C ALA A 125 10.98 -4.11 2.93
N GLY A 126 9.79 -4.62 2.67
CA GLY A 126 8.57 -4.15 3.36
C GLY A 126 8.66 -4.42 4.82
N LEU A 127 9.02 -5.66 5.17
CA LEU A 127 9.05 -5.98 6.60
C LEU A 127 9.96 -5.07 7.40
N LEU A 128 11.13 -4.80 6.83
CA LEU A 128 12.10 -3.92 7.42
C LEU A 128 11.63 -2.45 7.52
N LEU A 129 11.01 -1.98 6.44
CA LEU A 129 10.50 -0.61 6.44
C LEU A 129 9.42 -0.44 7.47
N TYR A 130 8.46 -1.33 7.48
CA TYR A 130 7.36 -1.13 8.41
C TYR A 130 7.87 -1.19 9.84
N THR A 131 8.87 -2.03 10.08
CA THR A 131 9.52 -2.15 11.38
C THR A 131 10.18 -0.86 11.71
N GLN A 132 10.85 -0.27 10.74
CA GLN A 132 11.56 1.00 11.00
C GLN A 132 10.55 2.11 11.33
N LEU A 133 9.36 2.00 10.72
CA LEU A 133 8.26 2.98 10.94
C LEU A 133 7.45 2.72 12.20
N GLY A 134 7.85 1.73 12.99
CA GLY A 134 7.24 1.52 14.32
C GLY A 134 6.10 0.51 14.29
N TYR A 135 5.91 -0.22 13.18
CA TYR A 135 4.93 -1.28 13.14
C TYR A 135 5.53 -2.54 13.84
N GLN A 136 4.69 -3.23 14.57
CA GLN A 136 5.06 -4.44 15.30
C GLN A 136 4.25 -5.59 14.77
N PRO A 137 4.86 -6.81 14.71
CA PRO A 137 4.18 -8.00 14.22
C PRO A 137 3.22 -8.55 15.23
N ARG A 138 2.01 -8.82 14.80
CA ARG A 138 0.99 -9.34 15.76
C ARG A 138 0.58 -10.77 15.51
N ALA A 139 0.50 -11.19 14.25
CA ALA A 139 0.12 -12.53 13.97
C ALA A 139 0.67 -12.90 12.60
N ILE A 140 0.60 -14.19 12.34
CA ILE A 140 0.98 -14.74 11.00
C ILE A 140 -0.16 -15.59 10.51
N ALA A 141 -0.61 -15.28 9.29
CA ALA A 141 -1.67 -16.05 8.65
C ALA A 141 -1.16 -16.83 7.47
N GLU A 142 -1.70 -18.00 7.25
CA GLU A 142 -1.38 -18.74 6.04
C GLU A 142 -2.17 -18.19 4.88
N ARG A 143 -1.51 -18.02 3.76
CA ARG A 143 -2.18 -17.66 2.54
C ARG A 143 -1.54 -18.50 1.43
N HIS A 144 -2.07 -18.37 0.24
CA HIS A 144 -1.55 -19.07 -0.89
C HIS A 144 -1.23 -18.13 -2.05
N ASP A 145 -0.10 -18.37 -2.68
CA ASP A 145 0.31 -17.56 -3.84
C ASP A 145 -0.31 -18.09 -5.12
N PRO A 146 -0.06 -17.43 -6.28
CA PRO A 146 -0.75 -17.84 -7.52
C PRO A 146 -0.44 -19.26 -7.97
N ASP A 147 0.66 -19.80 -7.47
CA ASP A 147 1.07 -21.14 -7.82
C ASP A 147 0.55 -22.15 -6.84
N GLY A 148 -0.27 -21.71 -5.90
CA GLY A 148 -0.83 -22.59 -4.94
C GLY A 148 0.14 -22.95 -3.84
N ARG A 149 1.22 -22.19 -3.75
CA ARG A 149 2.18 -22.39 -2.71
C ARG A 149 1.82 -21.60 -1.40
N ARG A 150 2.09 -22.22 -0.25
CA ARG A 150 1.81 -21.58 1.02
C ARG A 150 2.82 -20.48 1.29
N VAL A 151 2.30 -19.31 1.68
CA VAL A 151 3.08 -18.18 2.09
C VAL A 151 2.55 -17.74 3.47
N ALA A 152 3.36 -16.95 4.14
CA ALA A 152 2.97 -16.43 5.49
C ALA A 152 2.72 -14.96 5.37
N LEU A 153 1.54 -14.56 5.78
CA LEU A 153 1.21 -13.14 5.78
C LEU A 153 1.42 -12.60 7.19
N ILE A 154 2.36 -11.65 7.35
CA ILE A 154 2.71 -11.13 8.65
CA ILE A 154 2.76 -11.09 8.64
C ILE A 154 1.86 -9.89 8.89
N GLN A 155 1.06 -9.97 9.90
CA GLN A 155 0.07 -8.96 10.17
C GLN A 155 0.62 -8.06 11.25
N MET A 156 0.87 -6.79 10.92
CA MET A 156 1.55 -5.83 11.80
C MET A 156 0.55 -4.69 12.11
N ASP A 157 0.85 -3.95 13.21
CA ASP A 157 0.12 -2.76 13.46
C ASP A 157 0.96 -1.74 14.24
N LYS A 158 0.32 -0.55 14.38
CA LYS A 158 1.00 0.57 14.96
C LYS A 158 -0.08 1.51 15.49
N PRO A 159 0.09 1.93 16.72
CA PRO A 159 -0.90 2.92 17.16
C PRO A 159 -0.62 4.29 16.52
N LEU A 160 -1.69 5.07 16.29
CA LEU A 160 -1.52 6.36 15.59
C LEU A 160 -1.47 7.59 16.49
N GLU A 161 -2.13 7.60 17.61
CA GLU A 161 -2.04 8.76 18.56
C GLU A 161 -3.26 9.72 18.54
#